data_5X1G
# 
_entry.id   5X1G 
# 
_audit_conform.dict_name       mmcif_pdbx.dic 
_audit_conform.dict_version    5.387 
_audit_conform.dict_location   http://mmcif.pdb.org/dictionaries/ascii/mmcif_pdbx.dic 
# 
loop_
_database_2.database_id 
_database_2.database_code 
_database_2.pdbx_database_accession 
_database_2.pdbx_DOI 
PDB   5X1G         pdb_00005x1g 10.2210/pdb5x1g/pdb 
WWPDB D_1300002629 ?            ?                   
EMDB  EMD-6701     ?            ?                   
# 
loop_
_pdbx_audit_revision_history.ordinal 
_pdbx_audit_revision_history.data_content_type 
_pdbx_audit_revision_history.major_revision 
_pdbx_audit_revision_history.minor_revision 
_pdbx_audit_revision_history.revision_date 
1 'Structure model' 1 0 2017-07-05 
2 'Structure model' 1 1 2019-10-09 
3 'Structure model' 1 2 2024-03-27 
# 
_pdbx_audit_revision_details.ordinal             1 
_pdbx_audit_revision_details.revision_ordinal    1 
_pdbx_audit_revision_details.data_content_type   'Structure model' 
_pdbx_audit_revision_details.provider            repository 
_pdbx_audit_revision_details.type                'Initial release' 
_pdbx_audit_revision_details.description         ? 
_pdbx_audit_revision_details.details             ? 
# 
loop_
_pdbx_audit_revision_group.ordinal 
_pdbx_audit_revision_group.revision_ordinal 
_pdbx_audit_revision_group.data_content_type 
_pdbx_audit_revision_group.group 
1 2 'Structure model' 'Data collection'     
2 2 'Structure model' Other                 
3 3 'Structure model' 'Data collection'     
4 3 'Structure model' 'Database references' 
# 
loop_
_pdbx_audit_revision_category.ordinal 
_pdbx_audit_revision_category.revision_ordinal 
_pdbx_audit_revision_category.data_content_type 
_pdbx_audit_revision_category.category 
1 2 'Structure model' atom_sites     
2 2 'Structure model' cell           
3 2 'Structure model' em_image_scans 
4 3 'Structure model' chem_comp_atom 
5 3 'Structure model' chem_comp_bond 
6 3 'Structure model' database_2     
# 
loop_
_pdbx_audit_revision_item.ordinal 
_pdbx_audit_revision_item.revision_ordinal 
_pdbx_audit_revision_item.data_content_type 
_pdbx_audit_revision_item.item 
1 2 'Structure model' '_atom_sites.fract_transf_matrix[1][1]' 
2 2 'Structure model' '_atom_sites.fract_transf_matrix[2][2]' 
3 2 'Structure model' '_atom_sites.fract_transf_matrix[3][3]' 
4 2 'Structure model' '_cell.length_a'                        
5 2 'Structure model' '_cell.length_b'                        
6 2 'Structure model' '_cell.length_c'                        
7 3 'Structure model' '_database_2.pdbx_DOI'                  
8 3 'Structure model' '_database_2.pdbx_database_accession'   
# 
_pdbx_database_status.status_code                     REL 
_pdbx_database_status.status_code_sf                  ? 
_pdbx_database_status.status_code_mr                  ? 
_pdbx_database_status.entry_id                        5X1G 
_pdbx_database_status.recvd_initial_deposition_date   2017-01-25 
_pdbx_database_status.SG_entry                        N 
_pdbx_database_status.deposit_site                    PDBJ 
_pdbx_database_status.process_site                    PDBJ 
_pdbx_database_status.status_code_cs                  ? 
_pdbx_database_status.methods_development_category    ? 
_pdbx_database_status.pdb_format_compatible           Y 
_pdbx_database_status.status_code_nmr_data            ? 
# 
_pdbx_database_related.db_name        EMDB 
_pdbx_database_related.details        
;WHAMM's Microtubule binding motif
;
_pdbx_database_related.db_id          EMD-6701 
_pdbx_database_related.content_type   'associated EM volume' 
# 
loop_
_audit_author.name 
_audit_author.pdbx_ordinal 
_audit_author.identifier_ORCID 
'Liu, T.'    1 ? 
'Wang, H.W.' 2 ? 
# 
_citation.abstract                  ? 
_citation.abstract_id_CAS           ? 
_citation.book_id_ISBN              ? 
_citation.book_publisher            ? 
_citation.book_publisher_city       ? 
_citation.book_title                ? 
_citation.coordinate_linkage        ? 
_citation.country                   UK 
_citation.database_id_Medline       ? 
_citation.details                   ? 
_citation.id                        primary 
_citation.journal_abbrev            'J. Mol. Biol.' 
_citation.journal_id_ASTM           JMOBAK 
_citation.journal_id_CSD            0070 
_citation.journal_id_ISSN           1089-8638 
_citation.journal_full              ? 
_citation.journal_issue             ? 
_citation.journal_volume            429 
_citation.language                  ? 
_citation.page_first                1352 
_citation.page_last                 1363 
_citation.title                     
;Structural Insights of WHAMM's Interaction with Microtubules by Cryo-EM
;
_citation.year                      2017 
_citation.database_id_CSD           ? 
_citation.pdbx_database_id_DOI      10.1016/j.jmb.2017.03.022 
_citation.pdbx_database_id_PubMed   28351611 
_citation.unpublished_flag          ? 
# 
loop_
_citation_author.citation_id 
_citation_author.name 
_citation_author.ordinal 
_citation_author.identifier_ORCID 
primary 'Liu, T.'    1 ? 
primary 'Dai, A.'    2 ? 
primary 'Cao, Y.'    3 ? 
primary 'Zhang, R.'  4 ? 
primary 'Dong, M.Q.' 5 ? 
primary 'Wang, H.W.' 6 ? 
# 
_entity.id                         1 
_entity.type                       polymer 
_entity.src_method                 man 
_entity.pdbx_description           'WASP homolog-associated protein with actin, membranes and microtubules' 
_entity.formula_weight             4414.182 
_entity.pdbx_number_of_molecules   1 
_entity.pdbx_ec                    ? 
_entity.pdbx_mutation              ? 
_entity.pdbx_fragment              'UNP residues 513-546' 
_entity.details                    ? 
# 
_entity_name_com.entity_id   1 
_entity_name_com.name        'WAS protein homology region 2 domain-containing protein 1,WH2 domain-containing protein 1' 
# 
_entity_poly.entity_id                      1 
_entity_poly.type                           'polypeptide(L)' 
_entity_poly.nstd_linkage                   no 
_entity_poly.nstd_monomer                   no 
_entity_poly.pdbx_seq_one_letter_code       IQMKRDKIKEEEQKKKEWINQERQKTLQRLRSFK 
_entity_poly.pdbx_seq_one_letter_code_can   IQMKRDKIKEEEQKKKEWINQERQKTLQRLRSFK 
_entity_poly.pdbx_strand_id                 C 
_entity_poly.pdbx_target_identifier         ? 
# 
loop_
_entity_poly_seq.entity_id 
_entity_poly_seq.num 
_entity_poly_seq.mon_id 
_entity_poly_seq.hetero 
1 1  ILE n 
1 2  GLN n 
1 3  MET n 
1 4  LYS n 
1 5  ARG n 
1 6  ASP n 
1 7  LYS n 
1 8  ILE n 
1 9  LYS n 
1 10 GLU n 
1 11 GLU n 
1 12 GLU n 
1 13 GLN n 
1 14 LYS n 
1 15 LYS n 
1 16 LYS n 
1 17 GLU n 
1 18 TRP n 
1 19 ILE n 
1 20 ASN n 
1 21 GLN n 
1 22 GLU n 
1 23 ARG n 
1 24 GLN n 
1 25 LYS n 
1 26 THR n 
1 27 LEU n 
1 28 GLN n 
1 29 ARG n 
1 30 LEU n 
1 31 ARG n 
1 32 SER n 
1 33 PHE n 
1 34 LYS n 
# 
_entity_src_gen.entity_id                          1 
_entity_src_gen.pdbx_src_id                        1 
_entity_src_gen.pdbx_alt_source_flag               sample 
_entity_src_gen.pdbx_seq_type                      'Biological sequence' 
_entity_src_gen.pdbx_beg_seq_num                   1 
_entity_src_gen.pdbx_end_seq_num                   34 
_entity_src_gen.gene_src_common_name               Human 
_entity_src_gen.gene_src_genus                     ? 
_entity_src_gen.pdbx_gene_src_gene                 'WHAMM, KIAA1971, WHDC1' 
_entity_src_gen.gene_src_species                   ? 
_entity_src_gen.gene_src_strain                    ? 
_entity_src_gen.gene_src_tissue                    ? 
_entity_src_gen.gene_src_tissue_fraction           ? 
_entity_src_gen.gene_src_details                   ? 
_entity_src_gen.pdbx_gene_src_fragment             ? 
_entity_src_gen.pdbx_gene_src_scientific_name      'Homo sapiens' 
_entity_src_gen.pdbx_gene_src_ncbi_taxonomy_id     9606 
_entity_src_gen.pdbx_gene_src_variant              ? 
_entity_src_gen.pdbx_gene_src_cell_line            ? 
_entity_src_gen.pdbx_gene_src_atcc                 ? 
_entity_src_gen.pdbx_gene_src_organ                ? 
_entity_src_gen.pdbx_gene_src_organelle            ? 
_entity_src_gen.pdbx_gene_src_cell                 ? 
_entity_src_gen.pdbx_gene_src_cellular_location    ? 
_entity_src_gen.host_org_common_name               ? 
_entity_src_gen.pdbx_host_org_scientific_name      'Escherichia coli K-12' 
_entity_src_gen.pdbx_host_org_ncbi_taxonomy_id     83333 
_entity_src_gen.host_org_genus                     ? 
_entity_src_gen.pdbx_host_org_gene                 ? 
_entity_src_gen.pdbx_host_org_organ                ? 
_entity_src_gen.host_org_species                   ? 
_entity_src_gen.pdbx_host_org_tissue               ? 
_entity_src_gen.pdbx_host_org_tissue_fraction      ? 
_entity_src_gen.pdbx_host_org_strain               K-12 
_entity_src_gen.pdbx_host_org_variant              ? 
_entity_src_gen.pdbx_host_org_cell_line            ? 
_entity_src_gen.pdbx_host_org_atcc                 ? 
_entity_src_gen.pdbx_host_org_culture_collection   ? 
_entity_src_gen.pdbx_host_org_cell                 ? 
_entity_src_gen.pdbx_host_org_organelle            ? 
_entity_src_gen.pdbx_host_org_cellular_location    ? 
_entity_src_gen.pdbx_host_org_vector_type          ? 
_entity_src_gen.pdbx_host_org_vector               ? 
_entity_src_gen.host_org_details                   ? 
_entity_src_gen.expression_system_id               ? 
_entity_src_gen.plasmid_name                       ? 
_entity_src_gen.plasmid_details                    ? 
_entity_src_gen.pdbx_description                   ? 
# 
loop_
_chem_comp.id 
_chem_comp.type 
_chem_comp.mon_nstd_flag 
_chem_comp.name 
_chem_comp.pdbx_synonyms 
_chem_comp.formula 
_chem_comp.formula_weight 
ARG 'L-peptide linking' y ARGININE        ? 'C6 H15 N4 O2 1' 175.209 
ASN 'L-peptide linking' y ASPARAGINE      ? 'C4 H8 N2 O3'    132.118 
ASP 'L-peptide linking' y 'ASPARTIC ACID' ? 'C4 H7 N O4'     133.103 
GLN 'L-peptide linking' y GLUTAMINE       ? 'C5 H10 N2 O3'   146.144 
GLU 'L-peptide linking' y 'GLUTAMIC ACID' ? 'C5 H9 N O4'     147.129 
ILE 'L-peptide linking' y ISOLEUCINE      ? 'C6 H13 N O2'    131.173 
LEU 'L-peptide linking' y LEUCINE         ? 'C6 H13 N O2'    131.173 
LYS 'L-peptide linking' y LYSINE          ? 'C6 H15 N2 O2 1' 147.195 
MET 'L-peptide linking' y METHIONINE      ? 'C5 H11 N O2 S'  149.211 
PHE 'L-peptide linking' y PHENYLALANINE   ? 'C9 H11 N O2'    165.189 
SER 'L-peptide linking' y SERINE          ? 'C3 H7 N O3'     105.093 
THR 'L-peptide linking' y THREONINE       ? 'C4 H9 N O3'     119.119 
TRP 'L-peptide linking' y TRYPTOPHAN      ? 'C11 H12 N2 O2'  204.225 
# 
loop_
_pdbx_poly_seq_scheme.asym_id 
_pdbx_poly_seq_scheme.entity_id 
_pdbx_poly_seq_scheme.seq_id 
_pdbx_poly_seq_scheme.mon_id 
_pdbx_poly_seq_scheme.ndb_seq_num 
_pdbx_poly_seq_scheme.pdb_seq_num 
_pdbx_poly_seq_scheme.auth_seq_num 
_pdbx_poly_seq_scheme.pdb_mon_id 
_pdbx_poly_seq_scheme.auth_mon_id 
_pdbx_poly_seq_scheme.pdb_strand_id 
_pdbx_poly_seq_scheme.pdb_ins_code 
_pdbx_poly_seq_scheme.hetero 
A 1 1  ILE 1  513 ?   ?   ?   C . n 
A 1 2  GLN 2  514 ?   ?   ?   C . n 
A 1 3  MET 3  515 ?   ?   ?   C . n 
A 1 4  LYS 4  516 516 LYS LYS C . n 
A 1 5  ARG 5  517 517 ARG ARG C . n 
A 1 6  ASP 6  518 518 ASP ASP C . n 
A 1 7  LYS 7  519 519 LYS LYS C . n 
A 1 8  ILE 8  520 520 ILE ILE C . n 
A 1 9  LYS 9  521 521 LYS LYS C . n 
A 1 10 GLU 10 522 522 GLU GLU C . n 
A 1 11 GLU 11 523 523 GLU GLU C . n 
A 1 12 GLU 12 524 524 GLU GLU C . n 
A 1 13 GLN 13 525 525 GLN GLN C . n 
A 1 14 LYS 14 526 526 LYS LYS C . n 
A 1 15 LYS 15 527 527 LYS LYS C . n 
A 1 16 LYS 16 528 528 LYS LYS C . n 
A 1 17 GLU 17 529 529 GLU GLU C . n 
A 1 18 TRP 18 530 530 TRP TRP C . n 
A 1 19 ILE 19 531 531 ILE ILE C . n 
A 1 20 ASN 20 532 532 ASN ASN C . n 
A 1 21 GLN 21 533 533 GLN GLN C . n 
A 1 22 GLU 22 534 534 GLU GLU C . n 
A 1 23 ARG 23 535 535 ARG ARG C . n 
A 1 24 GLN 24 536 536 GLN GLN C . n 
A 1 25 LYS 25 537 537 LYS LYS C . n 
A 1 26 THR 26 538 538 THR THR C . n 
A 1 27 LEU 27 539 539 LEU LEU C . n 
A 1 28 GLN 28 540 540 GLN GLN C . n 
A 1 29 ARG 29 541 541 ARG ARG C . n 
A 1 30 LEU 30 542 542 LEU LEU C . n 
A 1 31 ARG 31 543 543 ARG ARG C . n 
A 1 32 SER 32 544 544 SER SER C . n 
A 1 33 PHE 33 545 545 PHE PHE C . n 
A 1 34 LYS 34 546 546 LYS LYS C . n 
# 
loop_
_pdbx_unobs_or_zero_occ_atoms.id 
_pdbx_unobs_or_zero_occ_atoms.PDB_model_num 
_pdbx_unobs_or_zero_occ_atoms.polymer_flag 
_pdbx_unobs_or_zero_occ_atoms.occupancy_flag 
_pdbx_unobs_or_zero_occ_atoms.auth_asym_id 
_pdbx_unobs_or_zero_occ_atoms.auth_comp_id 
_pdbx_unobs_or_zero_occ_atoms.auth_seq_id 
_pdbx_unobs_or_zero_occ_atoms.PDB_ins_code 
_pdbx_unobs_or_zero_occ_atoms.auth_atom_id 
_pdbx_unobs_or_zero_occ_atoms.label_alt_id 
_pdbx_unobs_or_zero_occ_atoms.label_asym_id 
_pdbx_unobs_or_zero_occ_atoms.label_comp_id 
_pdbx_unobs_or_zero_occ_atoms.label_seq_id 
_pdbx_unobs_or_zero_occ_atoms.label_atom_id 
1   1 Y 1 C LYS 516 ? CG  ? A LYS 4  CG  
2   1 Y 1 C LYS 516 ? CD  ? A LYS 4  CD  
3   1 Y 1 C LYS 516 ? CE  ? A LYS 4  CE  
4   1 Y 1 C LYS 516 ? NZ  ? A LYS 4  NZ  
5   1 Y 1 C ARG 517 ? CG  ? A ARG 5  CG  
6   1 Y 1 C ARG 517 ? CD  ? A ARG 5  CD  
7   1 Y 1 C ARG 517 ? NE  ? A ARG 5  NE  
8   1 Y 1 C ARG 517 ? CZ  ? A ARG 5  CZ  
9   1 Y 1 C ARG 517 ? NH1 ? A ARG 5  NH1 
10  1 Y 1 C ARG 517 ? NH2 ? A ARG 5  NH2 
11  1 Y 1 C ASP 518 ? CG  ? A ASP 6  CG  
12  1 Y 1 C ASP 518 ? OD1 ? A ASP 6  OD1 
13  1 Y 1 C ASP 518 ? OD2 ? A ASP 6  OD2 
14  1 Y 1 C LYS 519 ? CG  ? A LYS 7  CG  
15  1 Y 1 C LYS 519 ? CD  ? A LYS 7  CD  
16  1 Y 1 C LYS 519 ? CE  ? A LYS 7  CE  
17  1 Y 1 C LYS 519 ? NZ  ? A LYS 7  NZ  
18  1 Y 1 C ILE 520 ? CG1 ? A ILE 8  CG1 
19  1 Y 1 C ILE 520 ? CG2 ? A ILE 8  CG2 
20  1 Y 1 C ILE 520 ? CD1 ? A ILE 8  CD1 
21  1 Y 1 C LYS 521 ? CG  ? A LYS 9  CG  
22  1 Y 1 C LYS 521 ? CD  ? A LYS 9  CD  
23  1 Y 1 C LYS 521 ? CE  ? A LYS 9  CE  
24  1 Y 1 C LYS 521 ? NZ  ? A LYS 9  NZ  
25  1 Y 1 C GLU 522 ? CG  ? A GLU 10 CG  
26  1 Y 1 C GLU 522 ? CD  ? A GLU 10 CD  
27  1 Y 1 C GLU 522 ? OE1 ? A GLU 10 OE1 
28  1 Y 1 C GLU 522 ? OE2 ? A GLU 10 OE2 
29  1 Y 1 C GLU 523 ? CG  ? A GLU 11 CG  
30  1 Y 1 C GLU 523 ? CD  ? A GLU 11 CD  
31  1 Y 1 C GLU 523 ? OE1 ? A GLU 11 OE1 
32  1 Y 1 C GLU 523 ? OE2 ? A GLU 11 OE2 
33  1 Y 1 C GLU 524 ? CG  ? A GLU 12 CG  
34  1 Y 1 C GLU 524 ? CD  ? A GLU 12 CD  
35  1 Y 1 C GLU 524 ? OE1 ? A GLU 12 OE1 
36  1 Y 1 C GLU 524 ? OE2 ? A GLU 12 OE2 
37  1 Y 1 C GLN 525 ? CG  ? A GLN 13 CG  
38  1 Y 1 C GLN 525 ? CD  ? A GLN 13 CD  
39  1 Y 1 C GLN 525 ? OE1 ? A GLN 13 OE1 
40  1 Y 1 C GLN 525 ? NE2 ? A GLN 13 NE2 
41  1 Y 1 C LYS 526 ? CG  ? A LYS 14 CG  
42  1 Y 1 C LYS 526 ? CD  ? A LYS 14 CD  
43  1 Y 1 C LYS 526 ? CE  ? A LYS 14 CE  
44  1 Y 1 C LYS 526 ? NZ  ? A LYS 14 NZ  
45  1 Y 1 C LYS 527 ? CG  ? A LYS 15 CG  
46  1 Y 1 C LYS 527 ? CD  ? A LYS 15 CD  
47  1 Y 1 C LYS 527 ? CE  ? A LYS 15 CE  
48  1 Y 1 C LYS 527 ? NZ  ? A LYS 15 NZ  
49  1 Y 1 C LYS 528 ? CG  ? A LYS 16 CG  
50  1 Y 1 C LYS 528 ? CD  ? A LYS 16 CD  
51  1 Y 1 C LYS 528 ? CE  ? A LYS 16 CE  
52  1 Y 1 C LYS 528 ? NZ  ? A LYS 16 NZ  
53  1 Y 1 C GLU 529 ? CG  ? A GLU 17 CG  
54  1 Y 1 C GLU 529 ? CD  ? A GLU 17 CD  
55  1 Y 1 C GLU 529 ? OE1 ? A GLU 17 OE1 
56  1 Y 1 C GLU 529 ? OE2 ? A GLU 17 OE2 
57  1 Y 1 C TRP 530 ? CG  ? A TRP 18 CG  
58  1 Y 1 C TRP 530 ? CD1 ? A TRP 18 CD1 
59  1 Y 1 C TRP 530 ? CD2 ? A TRP 18 CD2 
60  1 Y 1 C TRP 530 ? NE1 ? A TRP 18 NE1 
61  1 Y 1 C TRP 530 ? CE2 ? A TRP 18 CE2 
62  1 Y 1 C TRP 530 ? CE3 ? A TRP 18 CE3 
63  1 Y 1 C TRP 530 ? CZ2 ? A TRP 18 CZ2 
64  1 Y 1 C TRP 530 ? CZ3 ? A TRP 18 CZ3 
65  1 Y 1 C TRP 530 ? CH2 ? A TRP 18 CH2 
66  1 Y 1 C ILE 531 ? CG1 ? A ILE 19 CG1 
67  1 Y 1 C ILE 531 ? CG2 ? A ILE 19 CG2 
68  1 Y 1 C ILE 531 ? CD1 ? A ILE 19 CD1 
69  1 Y 1 C ASN 532 ? CG  ? A ASN 20 CG  
70  1 Y 1 C ASN 532 ? OD1 ? A ASN 20 OD1 
71  1 Y 1 C ASN 532 ? ND2 ? A ASN 20 ND2 
72  1 Y 1 C GLN 533 ? CG  ? A GLN 21 CG  
73  1 Y 1 C GLN 533 ? CD  ? A GLN 21 CD  
74  1 Y 1 C GLN 533 ? OE1 ? A GLN 21 OE1 
75  1 Y 1 C GLN 533 ? NE2 ? A GLN 21 NE2 
76  1 Y 1 C GLU 534 ? CG  ? A GLU 22 CG  
77  1 Y 1 C GLU 534 ? CD  ? A GLU 22 CD  
78  1 Y 1 C GLU 534 ? OE1 ? A GLU 22 OE1 
79  1 Y 1 C GLU 534 ? OE2 ? A GLU 22 OE2 
80  1 Y 1 C ARG 535 ? CG  ? A ARG 23 CG  
81  1 Y 1 C ARG 535 ? CD  ? A ARG 23 CD  
82  1 Y 1 C ARG 535 ? NE  ? A ARG 23 NE  
83  1 Y 1 C ARG 535 ? CZ  ? A ARG 23 CZ  
84  1 Y 1 C ARG 535 ? NH1 ? A ARG 23 NH1 
85  1 Y 1 C ARG 535 ? NH2 ? A ARG 23 NH2 
86  1 Y 1 C GLN 536 ? CG  ? A GLN 24 CG  
87  1 Y 1 C GLN 536 ? CD  ? A GLN 24 CD  
88  1 Y 1 C GLN 536 ? OE1 ? A GLN 24 OE1 
89  1 Y 1 C GLN 536 ? NE2 ? A GLN 24 NE2 
90  1 Y 1 C LYS 537 ? CG  ? A LYS 25 CG  
91  1 Y 1 C LYS 537 ? CD  ? A LYS 25 CD  
92  1 Y 1 C LYS 537 ? CE  ? A LYS 25 CE  
93  1 Y 1 C LYS 537 ? NZ  ? A LYS 25 NZ  
94  1 Y 1 C THR 538 ? OG1 ? A THR 26 OG1 
95  1 Y 1 C THR 538 ? CG2 ? A THR 26 CG2 
96  1 Y 1 C LEU 539 ? CG  ? A LEU 27 CG  
97  1 Y 1 C LEU 539 ? CD1 ? A LEU 27 CD1 
98  1 Y 1 C LEU 539 ? CD2 ? A LEU 27 CD2 
99  1 Y 1 C GLN 540 ? CG  ? A GLN 28 CG  
100 1 Y 1 C GLN 540 ? CD  ? A GLN 28 CD  
101 1 Y 1 C GLN 540 ? OE1 ? A GLN 28 OE1 
102 1 Y 1 C GLN 540 ? NE2 ? A GLN 28 NE2 
103 1 Y 1 C ARG 541 ? CG  ? A ARG 29 CG  
104 1 Y 1 C ARG 541 ? CD  ? A ARG 29 CD  
105 1 Y 1 C ARG 541 ? NE  ? A ARG 29 NE  
106 1 Y 1 C ARG 541 ? CZ  ? A ARG 29 CZ  
107 1 Y 1 C ARG 541 ? NH1 ? A ARG 29 NH1 
108 1 Y 1 C ARG 541 ? NH2 ? A ARG 29 NH2 
109 1 Y 1 C LEU 542 ? CG  ? A LEU 30 CG  
110 1 Y 1 C LEU 542 ? CD1 ? A LEU 30 CD1 
111 1 Y 1 C LEU 542 ? CD2 ? A LEU 30 CD2 
112 1 Y 1 C ARG 543 ? CG  ? A ARG 31 CG  
113 1 Y 1 C ARG 543 ? CD  ? A ARG 31 CD  
114 1 Y 1 C ARG 543 ? NE  ? A ARG 31 NE  
115 1 Y 1 C ARG 543 ? CZ  ? A ARG 31 CZ  
116 1 Y 1 C ARG 543 ? NH1 ? A ARG 31 NH1 
117 1 Y 1 C ARG 543 ? NH2 ? A ARG 31 NH2 
118 1 Y 1 C SER 544 ? OG  ? A SER 32 OG  
119 1 Y 1 C PHE 545 ? CG  ? A PHE 33 CG  
120 1 Y 1 C PHE 545 ? CD1 ? A PHE 33 CD1 
121 1 Y 1 C PHE 545 ? CD2 ? A PHE 33 CD2 
122 1 Y 1 C PHE 545 ? CE1 ? A PHE 33 CE1 
123 1 Y 1 C PHE 545 ? CE2 ? A PHE 33 CE2 
124 1 Y 1 C PHE 545 ? CZ  ? A PHE 33 CZ  
125 1 Y 1 C LYS 546 ? CG  ? A LYS 34 CG  
126 1 Y 1 C LYS 546 ? CD  ? A LYS 34 CD  
127 1 Y 1 C LYS 546 ? CE  ? A LYS 34 CE  
128 1 Y 1 C LYS 546 ? NZ  ? A LYS 34 NZ  
# 
_cell.angle_alpha                  90.0 
_cell.angle_alpha_esd              ? 
_cell.angle_beta                   90.0 
_cell.angle_beta_esd               ? 
_cell.angle_gamma                  90.0 
_cell.angle_gamma_esd              ? 
_cell.entry_id                     5X1G 
_cell.details                      ? 
_cell.formula_units_Z              ? 
_cell.length_a                     1.0 
_cell.length_a_esd                 ? 
_cell.length_b                     1.0 
_cell.length_b_esd                 ? 
_cell.length_c                     1.0 
_cell.length_c_esd                 ? 
_cell.volume                       ? 
_cell.volume_esd                   ? 
_cell.Z_PDB                        1 
_cell.reciprocal_angle_alpha       ? 
_cell.reciprocal_angle_beta        ? 
_cell.reciprocal_angle_gamma       ? 
_cell.reciprocal_angle_alpha_esd   ? 
_cell.reciprocal_angle_beta_esd    ? 
_cell.reciprocal_angle_gamma_esd   ? 
_cell.reciprocal_length_a          ? 
_cell.reciprocal_length_b          ? 
_cell.reciprocal_length_c          ? 
_cell.reciprocal_length_a_esd      ? 
_cell.reciprocal_length_b_esd      ? 
_cell.reciprocal_length_c_esd      ? 
_cell.pdbx_unique_axis             ? 
# 
_symmetry.entry_id                         5X1G 
_symmetry.cell_setting                     ? 
_symmetry.Int_Tables_number                1 
_symmetry.space_group_name_Hall            ? 
_symmetry.space_group_name_H-M             'P 1' 
_symmetry.pdbx_full_space_group_name_H-M   ? 
# 
_exptl.absorpt_coefficient_mu     ? 
_exptl.absorpt_correction_T_max   ? 
_exptl.absorpt_correction_T_min   ? 
_exptl.absorpt_correction_type    ? 
_exptl.absorpt_process_details    ? 
_exptl.entry_id                   5X1G 
_exptl.crystals_number            ? 
_exptl.details                    ? 
_exptl.method                     'ELECTRON MICROSCOPY' 
_exptl.method_details             ? 
# 
_struct.entry_id                     5X1G 
_struct.title                        
;WHAMM's Microtubule binding motif
;
_struct.pdbx_model_details           ? 
_struct.pdbx_formula_weight          ? 
_struct.pdbx_formula_weight_method   ? 
_struct.pdbx_model_type_details      ? 
_struct.pdbx_CASP_flag               N 
# 
_struct_keywords.entry_id        5X1G 
_struct_keywords.text            'microtubule, helical reconstruction, STRUCTURAL PROTEIN' 
_struct_keywords.pdbx_keywords   'STRUCTURAL PROTEIN' 
# 
_struct_asym.id                            A 
_struct_asym.pdbx_blank_PDB_chainid_flag   N 
_struct_asym.pdbx_modified                 N 
_struct_asym.entity_id                     1 
_struct_asym.details                       ? 
# 
_struct_ref.id                         1 
_struct_ref.db_name                    UNP 
_struct_ref.db_code                    WHAMM_HUMAN 
_struct_ref.pdbx_db_accession          Q8TF30 
_struct_ref.pdbx_db_isoform            ? 
_struct_ref.entity_id                  1 
_struct_ref.pdbx_seq_one_letter_code   IQMKRDKIKEEEQKKKEWINQERQKTLQRLRSFK 
_struct_ref.pdbx_align_begin           513 
# 
_struct_ref_seq.align_id                      1 
_struct_ref_seq.ref_id                        1 
_struct_ref_seq.pdbx_PDB_id_code              5X1G 
_struct_ref_seq.pdbx_strand_id                C 
_struct_ref_seq.seq_align_beg                 1 
_struct_ref_seq.pdbx_seq_align_beg_ins_code   ? 
_struct_ref_seq.seq_align_end                 34 
_struct_ref_seq.pdbx_seq_align_end_ins_code   ? 
_struct_ref_seq.pdbx_db_accession             Q8TF30 
_struct_ref_seq.db_align_beg                  513 
_struct_ref_seq.pdbx_db_align_beg_ins_code    ? 
_struct_ref_seq.db_align_end                  546 
_struct_ref_seq.pdbx_db_align_end_ins_code    ? 
_struct_ref_seq.pdbx_auth_seq_align_beg       513 
_struct_ref_seq.pdbx_auth_seq_align_end       546 
# 
_pdbx_struct_assembly.id                   1 
_pdbx_struct_assembly.details              author_defined_assembly 
_pdbx_struct_assembly.method_details       ? 
_pdbx_struct_assembly.oligomeric_details   monomeric 
_pdbx_struct_assembly.oligomeric_count     1 
# 
loop_
_pdbx_struct_assembly_prop.biol_id 
_pdbx_struct_assembly_prop.type 
_pdbx_struct_assembly_prop.value 
_pdbx_struct_assembly_prop.details 
1 'ABSA (A^2)' 0    ? 
1 MORE         0    ? 
1 'SSA (A^2)'  2500 ? 
# 
_pdbx_struct_assembly_gen.assembly_id       1 
_pdbx_struct_assembly_gen.oper_expression   1 
_pdbx_struct_assembly_gen.asym_id_list      A 
# 
_pdbx_struct_oper_list.id                   1 
_pdbx_struct_oper_list.type                 'identity operation' 
_pdbx_struct_oper_list.name                 1_555 
_pdbx_struct_oper_list.symmetry_operation   x,y,z 
_pdbx_struct_oper_list.matrix[1][1]         1.0000000000 
_pdbx_struct_oper_list.matrix[1][2]         0.0000000000 
_pdbx_struct_oper_list.matrix[1][3]         0.0000000000 
_pdbx_struct_oper_list.vector[1]            0.0000000000 
_pdbx_struct_oper_list.matrix[2][1]         0.0000000000 
_pdbx_struct_oper_list.matrix[2][2]         1.0000000000 
_pdbx_struct_oper_list.matrix[2][3]         0.0000000000 
_pdbx_struct_oper_list.vector[2]            0.0000000000 
_pdbx_struct_oper_list.matrix[3][1]         0.0000000000 
_pdbx_struct_oper_list.matrix[3][2]         0.0000000000 
_pdbx_struct_oper_list.matrix[3][3]         1.0000000000 
_pdbx_struct_oper_list.vector[3]            0.0000000000 
# 
loop_
_struct_conf.conf_type_id 
_struct_conf.id 
_struct_conf.pdbx_PDB_helix_id 
_struct_conf.beg_label_comp_id 
_struct_conf.beg_label_asym_id 
_struct_conf.beg_label_seq_id 
_struct_conf.pdbx_beg_PDB_ins_code 
_struct_conf.end_label_comp_id 
_struct_conf.end_label_asym_id 
_struct_conf.end_label_seq_id 
_struct_conf.pdbx_end_PDB_ins_code 
_struct_conf.beg_auth_comp_id 
_struct_conf.beg_auth_asym_id 
_struct_conf.beg_auth_seq_id 
_struct_conf.end_auth_comp_id 
_struct_conf.end_auth_asym_id 
_struct_conf.end_auth_seq_id 
_struct_conf.pdbx_PDB_helix_class 
_struct_conf.details 
_struct_conf.pdbx_PDB_helix_length 
HELX_P HELX_P1 AA1 GLU A 12 ? ARG A 29 ? GLU C 524 ARG C 541 1 ? 18 
HELX_P HELX_P2 AA2 ARG A 29 ? LYS A 34 ? ARG C 541 LYS C 546 1 ? 6  
# 
_struct_conf_type.id          HELX_P 
_struct_conf_type.criteria    ? 
_struct_conf_type.reference   ? 
# 
_pdbx_validate_torsion.id              1 
_pdbx_validate_torsion.PDB_model_num   1 
_pdbx_validate_torsion.auth_comp_id    GLU 
_pdbx_validate_torsion.auth_asym_id    C 
_pdbx_validate_torsion.auth_seq_id     522 
_pdbx_validate_torsion.PDB_ins_code    ? 
_pdbx_validate_torsion.label_alt_id    ? 
_pdbx_validate_torsion.phi             -170.71 
_pdbx_validate_torsion.psi             133.07 
# 
_em_3d_reconstruction.entry_id                    5X1G 
_em_3d_reconstruction.id                          1 
_em_3d_reconstruction.algorithm                   ? 
_em_3d_reconstruction.details                     ? 
_em_3d_reconstruction.refinement_type             ? 
_em_3d_reconstruction.image_processing_id         1 
_em_3d_reconstruction.num_class_averages          ? 
_em_3d_reconstruction.num_particles               8000 
_em_3d_reconstruction.resolution                  4.5 
_em_3d_reconstruction.resolution_method           'FSC 0.143 CUT-OFF' 
_em_3d_reconstruction.symmetry_type               HELICAL 
_em_3d_reconstruction.method                      ? 
_em_3d_reconstruction.nominal_pixel_size          ? 
_em_3d_reconstruction.actual_pixel_size           ? 
_em_3d_reconstruction.magnification_calibration   ? 
_em_3d_reconstruction.citation_id                 ? 
_em_3d_reconstruction.euler_angles_details        ? 
# 
_em_buffer.id            1 
_em_buffer.details       ? 
_em_buffer.pH            6.8 
_em_buffer.specimen_id   1 
_em_buffer.name          ? 
# 
_em_entity_assembly.id                   1 
_em_entity_assembly.parent_id            0 
_em_entity_assembly.details              ? 
_em_entity_assembly.name                 'Ternary complex of alpha,beta-tubulin dimer with microtubule binding motif of WHAMM' 
_em_entity_assembly.source               'MULTIPLE SOURCES' 
_em_entity_assembly.type                 COMPLEX 
_em_entity_assembly.entity_id_list       1 
_em_entity_assembly.synonym              ? 
_em_entity_assembly.oligomeric_details   ? 
# 
_em_imaging.id                              1 
_em_imaging.entry_id                        5X1G 
_em_imaging.accelerating_voltage            300 
_em_imaging.alignment_procedure             ? 
_em_imaging.c2_aperture_diameter            ? 
_em_imaging.calibrated_defocus_max          ? 
_em_imaging.calibrated_defocus_min          ? 
_em_imaging.calibrated_magnification        ? 
_em_imaging.cryogen                         ? 
_em_imaging.details                         ? 
_em_imaging.electron_source                 'FIELD EMISSION GUN' 
_em_imaging.illumination_mode               'FLOOD BEAM' 
_em_imaging.microscope_model                'FEI TITAN KRIOS' 
_em_imaging.mode                            'BRIGHT FIELD' 
_em_imaging.nominal_cs                      ? 
_em_imaging.nominal_defocus_max             ? 
_em_imaging.nominal_defocus_min             ? 
_em_imaging.nominal_magnification           ? 
_em_imaging.recording_temperature_maximum   ? 
_em_imaging.recording_temperature_minimum   ? 
_em_imaging.residual_tilt                   ? 
_em_imaging.specimen_holder_model           ? 
_em_imaging.specimen_id                     1 
_em_imaging.citation_id                     ? 
_em_imaging.date                            ? 
_em_imaging.temperature                     ? 
_em_imaging.tilt_angle_min                  ? 
_em_imaging.tilt_angle_max                  ? 
_em_imaging.astigmatism                     ? 
_em_imaging.detector_distance               ? 
_em_imaging.electron_beam_tilt_params       ? 
_em_imaging.specimen_holder_type            ? 
# 
_em_vitrification.id                    1 
_em_vitrification.specimen_id           1 
_em_vitrification.chamber_temperature   ? 
_em_vitrification.cryogen_name          ETHANE 
_em_vitrification.details               ? 
_em_vitrification.humidity              ? 
_em_vitrification.instrument            ? 
_em_vitrification.entry_id              5X1G 
_em_vitrification.citation_id           ? 
_em_vitrification.method                ? 
_em_vitrification.temp                  ? 
_em_vitrification.time_resolved_state   ? 
# 
_em_experiment.entry_id                5X1G 
_em_experiment.id                      1 
_em_experiment.aggregation_state       FILAMENT 
_em_experiment.reconstruction_method   HELICAL 
_em_experiment.entity_assembly_id      1 
# 
loop_
_pdbx_unobs_or_zero_occ_residues.id 
_pdbx_unobs_or_zero_occ_residues.PDB_model_num 
_pdbx_unobs_or_zero_occ_residues.polymer_flag 
_pdbx_unobs_or_zero_occ_residues.occupancy_flag 
_pdbx_unobs_or_zero_occ_residues.auth_asym_id 
_pdbx_unobs_or_zero_occ_residues.auth_comp_id 
_pdbx_unobs_or_zero_occ_residues.auth_seq_id 
_pdbx_unobs_or_zero_occ_residues.PDB_ins_code 
_pdbx_unobs_or_zero_occ_residues.label_asym_id 
_pdbx_unobs_or_zero_occ_residues.label_comp_id 
_pdbx_unobs_or_zero_occ_residues.label_seq_id 
1 1 Y 1 C ILE 513 ? A ILE 1 
2 1 Y 1 C GLN 514 ? A GLN 2 
3 1 Y 1 C MET 515 ? A MET 3 
# 
loop_
_chem_comp_atom.comp_id 
_chem_comp_atom.atom_id 
_chem_comp_atom.type_symbol 
_chem_comp_atom.pdbx_aromatic_flag 
_chem_comp_atom.pdbx_stereo_config 
_chem_comp_atom.pdbx_ordinal 
ARG N    N N N 1   
ARG CA   C N S 2   
ARG C    C N N 3   
ARG O    O N N 4   
ARG CB   C N N 5   
ARG CG   C N N 6   
ARG CD   C N N 7   
ARG NE   N N N 8   
ARG CZ   C N N 9   
ARG NH1  N N N 10  
ARG NH2  N N N 11  
ARG OXT  O N N 12  
ARG H    H N N 13  
ARG H2   H N N 14  
ARG HA   H N N 15  
ARG HB2  H N N 16  
ARG HB3  H N N 17  
ARG HG2  H N N 18  
ARG HG3  H N N 19  
ARG HD2  H N N 20  
ARG HD3  H N N 21  
ARG HE   H N N 22  
ARG HH11 H N N 23  
ARG HH12 H N N 24  
ARG HH21 H N N 25  
ARG HH22 H N N 26  
ARG HXT  H N N 27  
ASN N    N N N 28  
ASN CA   C N S 29  
ASN C    C N N 30  
ASN O    O N N 31  
ASN CB   C N N 32  
ASN CG   C N N 33  
ASN OD1  O N N 34  
ASN ND2  N N N 35  
ASN OXT  O N N 36  
ASN H    H N N 37  
ASN H2   H N N 38  
ASN HA   H N N 39  
ASN HB2  H N N 40  
ASN HB3  H N N 41  
ASN HD21 H N N 42  
ASN HD22 H N N 43  
ASN HXT  H N N 44  
ASP N    N N N 45  
ASP CA   C N S 46  
ASP C    C N N 47  
ASP O    O N N 48  
ASP CB   C N N 49  
ASP CG   C N N 50  
ASP OD1  O N N 51  
ASP OD2  O N N 52  
ASP OXT  O N N 53  
ASP H    H N N 54  
ASP H2   H N N 55  
ASP HA   H N N 56  
ASP HB2  H N N 57  
ASP HB3  H N N 58  
ASP HD2  H N N 59  
ASP HXT  H N N 60  
GLN N    N N N 61  
GLN CA   C N S 62  
GLN C    C N N 63  
GLN O    O N N 64  
GLN CB   C N N 65  
GLN CG   C N N 66  
GLN CD   C N N 67  
GLN OE1  O N N 68  
GLN NE2  N N N 69  
GLN OXT  O N N 70  
GLN H    H N N 71  
GLN H2   H N N 72  
GLN HA   H N N 73  
GLN HB2  H N N 74  
GLN HB3  H N N 75  
GLN HG2  H N N 76  
GLN HG3  H N N 77  
GLN HE21 H N N 78  
GLN HE22 H N N 79  
GLN HXT  H N N 80  
GLU N    N N N 81  
GLU CA   C N S 82  
GLU C    C N N 83  
GLU O    O N N 84  
GLU CB   C N N 85  
GLU CG   C N N 86  
GLU CD   C N N 87  
GLU OE1  O N N 88  
GLU OE2  O N N 89  
GLU OXT  O N N 90  
GLU H    H N N 91  
GLU H2   H N N 92  
GLU HA   H N N 93  
GLU HB2  H N N 94  
GLU HB3  H N N 95  
GLU HG2  H N N 96  
GLU HG3  H N N 97  
GLU HE2  H N N 98  
GLU HXT  H N N 99  
ILE N    N N N 100 
ILE CA   C N S 101 
ILE C    C N N 102 
ILE O    O N N 103 
ILE CB   C N S 104 
ILE CG1  C N N 105 
ILE CG2  C N N 106 
ILE CD1  C N N 107 
ILE OXT  O N N 108 
ILE H    H N N 109 
ILE H2   H N N 110 
ILE HA   H N N 111 
ILE HB   H N N 112 
ILE HG12 H N N 113 
ILE HG13 H N N 114 
ILE HG21 H N N 115 
ILE HG22 H N N 116 
ILE HG23 H N N 117 
ILE HD11 H N N 118 
ILE HD12 H N N 119 
ILE HD13 H N N 120 
ILE HXT  H N N 121 
LEU N    N N N 122 
LEU CA   C N S 123 
LEU C    C N N 124 
LEU O    O N N 125 
LEU CB   C N N 126 
LEU CG   C N N 127 
LEU CD1  C N N 128 
LEU CD2  C N N 129 
LEU OXT  O N N 130 
LEU H    H N N 131 
LEU H2   H N N 132 
LEU HA   H N N 133 
LEU HB2  H N N 134 
LEU HB3  H N N 135 
LEU HG   H N N 136 
LEU HD11 H N N 137 
LEU HD12 H N N 138 
LEU HD13 H N N 139 
LEU HD21 H N N 140 
LEU HD22 H N N 141 
LEU HD23 H N N 142 
LEU HXT  H N N 143 
LYS N    N N N 144 
LYS CA   C N S 145 
LYS C    C N N 146 
LYS O    O N N 147 
LYS CB   C N N 148 
LYS CG   C N N 149 
LYS CD   C N N 150 
LYS CE   C N N 151 
LYS NZ   N N N 152 
LYS OXT  O N N 153 
LYS H    H N N 154 
LYS H2   H N N 155 
LYS HA   H N N 156 
LYS HB2  H N N 157 
LYS HB3  H N N 158 
LYS HG2  H N N 159 
LYS HG3  H N N 160 
LYS HD2  H N N 161 
LYS HD3  H N N 162 
LYS HE2  H N N 163 
LYS HE3  H N N 164 
LYS HZ1  H N N 165 
LYS HZ2  H N N 166 
LYS HZ3  H N N 167 
LYS HXT  H N N 168 
MET N    N N N 169 
MET CA   C N S 170 
MET C    C N N 171 
MET O    O N N 172 
MET CB   C N N 173 
MET CG   C N N 174 
MET SD   S N N 175 
MET CE   C N N 176 
MET OXT  O N N 177 
MET H    H N N 178 
MET H2   H N N 179 
MET HA   H N N 180 
MET HB2  H N N 181 
MET HB3  H N N 182 
MET HG2  H N N 183 
MET HG3  H N N 184 
MET HE1  H N N 185 
MET HE2  H N N 186 
MET HE3  H N N 187 
MET HXT  H N N 188 
PHE N    N N N 189 
PHE CA   C N S 190 
PHE C    C N N 191 
PHE O    O N N 192 
PHE CB   C N N 193 
PHE CG   C Y N 194 
PHE CD1  C Y N 195 
PHE CD2  C Y N 196 
PHE CE1  C Y N 197 
PHE CE2  C Y N 198 
PHE CZ   C Y N 199 
PHE OXT  O N N 200 
PHE H    H N N 201 
PHE H2   H N N 202 
PHE HA   H N N 203 
PHE HB2  H N N 204 
PHE HB3  H N N 205 
PHE HD1  H N N 206 
PHE HD2  H N N 207 
PHE HE1  H N N 208 
PHE HE2  H N N 209 
PHE HZ   H N N 210 
PHE HXT  H N N 211 
SER N    N N N 212 
SER CA   C N S 213 
SER C    C N N 214 
SER O    O N N 215 
SER CB   C N N 216 
SER OG   O N N 217 
SER OXT  O N N 218 
SER H    H N N 219 
SER H2   H N N 220 
SER HA   H N N 221 
SER HB2  H N N 222 
SER HB3  H N N 223 
SER HG   H N N 224 
SER HXT  H N N 225 
THR N    N N N 226 
THR CA   C N S 227 
THR C    C N N 228 
THR O    O N N 229 
THR CB   C N R 230 
THR OG1  O N N 231 
THR CG2  C N N 232 
THR OXT  O N N 233 
THR H    H N N 234 
THR H2   H N N 235 
THR HA   H N N 236 
THR HB   H N N 237 
THR HG1  H N N 238 
THR HG21 H N N 239 
THR HG22 H N N 240 
THR HG23 H N N 241 
THR HXT  H N N 242 
TRP N    N N N 243 
TRP CA   C N S 244 
TRP C    C N N 245 
TRP O    O N N 246 
TRP CB   C N N 247 
TRP CG   C Y N 248 
TRP CD1  C Y N 249 
TRP CD2  C Y N 250 
TRP NE1  N Y N 251 
TRP CE2  C Y N 252 
TRP CE3  C Y N 253 
TRP CZ2  C Y N 254 
TRP CZ3  C Y N 255 
TRP CH2  C Y N 256 
TRP OXT  O N N 257 
TRP H    H N N 258 
TRP H2   H N N 259 
TRP HA   H N N 260 
TRP HB2  H N N 261 
TRP HB3  H N N 262 
TRP HD1  H N N 263 
TRP HE1  H N N 264 
TRP HE3  H N N 265 
TRP HZ2  H N N 266 
TRP HZ3  H N N 267 
TRP HH2  H N N 268 
TRP HXT  H N N 269 
# 
loop_
_chem_comp_bond.comp_id 
_chem_comp_bond.atom_id_1 
_chem_comp_bond.atom_id_2 
_chem_comp_bond.value_order 
_chem_comp_bond.pdbx_aromatic_flag 
_chem_comp_bond.pdbx_stereo_config 
_chem_comp_bond.pdbx_ordinal 
ARG N   CA   sing N N 1   
ARG N   H    sing N N 2   
ARG N   H2   sing N N 3   
ARG CA  C    sing N N 4   
ARG CA  CB   sing N N 5   
ARG CA  HA   sing N N 6   
ARG C   O    doub N N 7   
ARG C   OXT  sing N N 8   
ARG CB  CG   sing N N 9   
ARG CB  HB2  sing N N 10  
ARG CB  HB3  sing N N 11  
ARG CG  CD   sing N N 12  
ARG CG  HG2  sing N N 13  
ARG CG  HG3  sing N N 14  
ARG CD  NE   sing N N 15  
ARG CD  HD2  sing N N 16  
ARG CD  HD3  sing N N 17  
ARG NE  CZ   sing N N 18  
ARG NE  HE   sing N N 19  
ARG CZ  NH1  sing N N 20  
ARG CZ  NH2  doub N N 21  
ARG NH1 HH11 sing N N 22  
ARG NH1 HH12 sing N N 23  
ARG NH2 HH21 sing N N 24  
ARG NH2 HH22 sing N N 25  
ARG OXT HXT  sing N N 26  
ASN N   CA   sing N N 27  
ASN N   H    sing N N 28  
ASN N   H2   sing N N 29  
ASN CA  C    sing N N 30  
ASN CA  CB   sing N N 31  
ASN CA  HA   sing N N 32  
ASN C   O    doub N N 33  
ASN C   OXT  sing N N 34  
ASN CB  CG   sing N N 35  
ASN CB  HB2  sing N N 36  
ASN CB  HB3  sing N N 37  
ASN CG  OD1  doub N N 38  
ASN CG  ND2  sing N N 39  
ASN ND2 HD21 sing N N 40  
ASN ND2 HD22 sing N N 41  
ASN OXT HXT  sing N N 42  
ASP N   CA   sing N N 43  
ASP N   H    sing N N 44  
ASP N   H2   sing N N 45  
ASP CA  C    sing N N 46  
ASP CA  CB   sing N N 47  
ASP CA  HA   sing N N 48  
ASP C   O    doub N N 49  
ASP C   OXT  sing N N 50  
ASP CB  CG   sing N N 51  
ASP CB  HB2  sing N N 52  
ASP CB  HB3  sing N N 53  
ASP CG  OD1  doub N N 54  
ASP CG  OD2  sing N N 55  
ASP OD2 HD2  sing N N 56  
ASP OXT HXT  sing N N 57  
GLN N   CA   sing N N 58  
GLN N   H    sing N N 59  
GLN N   H2   sing N N 60  
GLN CA  C    sing N N 61  
GLN CA  CB   sing N N 62  
GLN CA  HA   sing N N 63  
GLN C   O    doub N N 64  
GLN C   OXT  sing N N 65  
GLN CB  CG   sing N N 66  
GLN CB  HB2  sing N N 67  
GLN CB  HB3  sing N N 68  
GLN CG  CD   sing N N 69  
GLN CG  HG2  sing N N 70  
GLN CG  HG3  sing N N 71  
GLN CD  OE1  doub N N 72  
GLN CD  NE2  sing N N 73  
GLN NE2 HE21 sing N N 74  
GLN NE2 HE22 sing N N 75  
GLN OXT HXT  sing N N 76  
GLU N   CA   sing N N 77  
GLU N   H    sing N N 78  
GLU N   H2   sing N N 79  
GLU CA  C    sing N N 80  
GLU CA  CB   sing N N 81  
GLU CA  HA   sing N N 82  
GLU C   O    doub N N 83  
GLU C   OXT  sing N N 84  
GLU CB  CG   sing N N 85  
GLU CB  HB2  sing N N 86  
GLU CB  HB3  sing N N 87  
GLU CG  CD   sing N N 88  
GLU CG  HG2  sing N N 89  
GLU CG  HG3  sing N N 90  
GLU CD  OE1  doub N N 91  
GLU CD  OE2  sing N N 92  
GLU OE2 HE2  sing N N 93  
GLU OXT HXT  sing N N 94  
ILE N   CA   sing N N 95  
ILE N   H    sing N N 96  
ILE N   H2   sing N N 97  
ILE CA  C    sing N N 98  
ILE CA  CB   sing N N 99  
ILE CA  HA   sing N N 100 
ILE C   O    doub N N 101 
ILE C   OXT  sing N N 102 
ILE CB  CG1  sing N N 103 
ILE CB  CG2  sing N N 104 
ILE CB  HB   sing N N 105 
ILE CG1 CD1  sing N N 106 
ILE CG1 HG12 sing N N 107 
ILE CG1 HG13 sing N N 108 
ILE CG2 HG21 sing N N 109 
ILE CG2 HG22 sing N N 110 
ILE CG2 HG23 sing N N 111 
ILE CD1 HD11 sing N N 112 
ILE CD1 HD12 sing N N 113 
ILE CD1 HD13 sing N N 114 
ILE OXT HXT  sing N N 115 
LEU N   CA   sing N N 116 
LEU N   H    sing N N 117 
LEU N   H2   sing N N 118 
LEU CA  C    sing N N 119 
LEU CA  CB   sing N N 120 
LEU CA  HA   sing N N 121 
LEU C   O    doub N N 122 
LEU C   OXT  sing N N 123 
LEU CB  CG   sing N N 124 
LEU CB  HB2  sing N N 125 
LEU CB  HB3  sing N N 126 
LEU CG  CD1  sing N N 127 
LEU CG  CD2  sing N N 128 
LEU CG  HG   sing N N 129 
LEU CD1 HD11 sing N N 130 
LEU CD1 HD12 sing N N 131 
LEU CD1 HD13 sing N N 132 
LEU CD2 HD21 sing N N 133 
LEU CD2 HD22 sing N N 134 
LEU CD2 HD23 sing N N 135 
LEU OXT HXT  sing N N 136 
LYS N   CA   sing N N 137 
LYS N   H    sing N N 138 
LYS N   H2   sing N N 139 
LYS CA  C    sing N N 140 
LYS CA  CB   sing N N 141 
LYS CA  HA   sing N N 142 
LYS C   O    doub N N 143 
LYS C   OXT  sing N N 144 
LYS CB  CG   sing N N 145 
LYS CB  HB2  sing N N 146 
LYS CB  HB3  sing N N 147 
LYS CG  CD   sing N N 148 
LYS CG  HG2  sing N N 149 
LYS CG  HG3  sing N N 150 
LYS CD  CE   sing N N 151 
LYS CD  HD2  sing N N 152 
LYS CD  HD3  sing N N 153 
LYS CE  NZ   sing N N 154 
LYS CE  HE2  sing N N 155 
LYS CE  HE3  sing N N 156 
LYS NZ  HZ1  sing N N 157 
LYS NZ  HZ2  sing N N 158 
LYS NZ  HZ3  sing N N 159 
LYS OXT HXT  sing N N 160 
MET N   CA   sing N N 161 
MET N   H    sing N N 162 
MET N   H2   sing N N 163 
MET CA  C    sing N N 164 
MET CA  CB   sing N N 165 
MET CA  HA   sing N N 166 
MET C   O    doub N N 167 
MET C   OXT  sing N N 168 
MET CB  CG   sing N N 169 
MET CB  HB2  sing N N 170 
MET CB  HB3  sing N N 171 
MET CG  SD   sing N N 172 
MET CG  HG2  sing N N 173 
MET CG  HG3  sing N N 174 
MET SD  CE   sing N N 175 
MET CE  HE1  sing N N 176 
MET CE  HE2  sing N N 177 
MET CE  HE3  sing N N 178 
MET OXT HXT  sing N N 179 
PHE N   CA   sing N N 180 
PHE N   H    sing N N 181 
PHE N   H2   sing N N 182 
PHE CA  C    sing N N 183 
PHE CA  CB   sing N N 184 
PHE CA  HA   sing N N 185 
PHE C   O    doub N N 186 
PHE C   OXT  sing N N 187 
PHE CB  CG   sing N N 188 
PHE CB  HB2  sing N N 189 
PHE CB  HB3  sing N N 190 
PHE CG  CD1  doub Y N 191 
PHE CG  CD2  sing Y N 192 
PHE CD1 CE1  sing Y N 193 
PHE CD1 HD1  sing N N 194 
PHE CD2 CE2  doub Y N 195 
PHE CD2 HD2  sing N N 196 
PHE CE1 CZ   doub Y N 197 
PHE CE1 HE1  sing N N 198 
PHE CE2 CZ   sing Y N 199 
PHE CE2 HE2  sing N N 200 
PHE CZ  HZ   sing N N 201 
PHE OXT HXT  sing N N 202 
SER N   CA   sing N N 203 
SER N   H    sing N N 204 
SER N   H2   sing N N 205 
SER CA  C    sing N N 206 
SER CA  CB   sing N N 207 
SER CA  HA   sing N N 208 
SER C   O    doub N N 209 
SER C   OXT  sing N N 210 
SER CB  OG   sing N N 211 
SER CB  HB2  sing N N 212 
SER CB  HB3  sing N N 213 
SER OG  HG   sing N N 214 
SER OXT HXT  sing N N 215 
THR N   CA   sing N N 216 
THR N   H    sing N N 217 
THR N   H2   sing N N 218 
THR CA  C    sing N N 219 
THR CA  CB   sing N N 220 
THR CA  HA   sing N N 221 
THR C   O    doub N N 222 
THR C   OXT  sing N N 223 
THR CB  OG1  sing N N 224 
THR CB  CG2  sing N N 225 
THR CB  HB   sing N N 226 
THR OG1 HG1  sing N N 227 
THR CG2 HG21 sing N N 228 
THR CG2 HG22 sing N N 229 
THR CG2 HG23 sing N N 230 
THR OXT HXT  sing N N 231 
TRP N   CA   sing N N 232 
TRP N   H    sing N N 233 
TRP N   H2   sing N N 234 
TRP CA  C    sing N N 235 
TRP CA  CB   sing N N 236 
TRP CA  HA   sing N N 237 
TRP C   O    doub N N 238 
TRP C   OXT  sing N N 239 
TRP CB  CG   sing N N 240 
TRP CB  HB2  sing N N 241 
TRP CB  HB3  sing N N 242 
TRP CG  CD1  doub Y N 243 
TRP CG  CD2  sing Y N 244 
TRP CD1 NE1  sing Y N 245 
TRP CD1 HD1  sing N N 246 
TRP CD2 CE2  doub Y N 247 
TRP CD2 CE3  sing Y N 248 
TRP NE1 CE2  sing Y N 249 
TRP NE1 HE1  sing N N 250 
TRP CE2 CZ2  sing Y N 251 
TRP CE3 CZ3  doub Y N 252 
TRP CE3 HE3  sing N N 253 
TRP CZ2 CH2  doub Y N 254 
TRP CZ2 HZ2  sing N N 255 
TRP CZ3 CH2  sing Y N 256 
TRP CZ3 HZ3  sing N N 257 
TRP CH2 HH2  sing N N 258 
TRP OXT HXT  sing N N 259 
# 
_em_ctf_correction.id                       1 
_em_ctf_correction.em_image_processing_id   1 
_em_ctf_correction.type                     'PHASE FLIPPING AND AMPLITUDE CORRECTION' 
_em_ctf_correction.details                  ? 
# 
_em_entity_assembly_naturalsource.id                   1 
_em_entity_assembly_naturalsource.entity_assembly_id   1 
_em_entity_assembly_naturalsource.cell                 ? 
_em_entity_assembly_naturalsource.cellular_location    ? 
_em_entity_assembly_naturalsource.ncbi_tax_id          9606 
_em_entity_assembly_naturalsource.organ                ? 
_em_entity_assembly_naturalsource.organelle            ? 
_em_entity_assembly_naturalsource.organism             'Homo sapiens' 
_em_entity_assembly_naturalsource.strain               ? 
_em_entity_assembly_naturalsource.tissue               ? 
# 
_em_entity_assembly_recombinant.id                   1 
_em_entity_assembly_recombinant.entity_assembly_id   1 
_em_entity_assembly_recombinant.cell                 ? 
_em_entity_assembly_recombinant.ncbi_tax_id          83333 
_em_entity_assembly_recombinant.organism             'Escherichia coli K-12' 
_em_entity_assembly_recombinant.plasmid              ? 
_em_entity_assembly_recombinant.strain               K-12 
# 
_em_helical_entity.id                             1 
_em_helical_entity.image_processing_id            1 
_em_helical_entity.angular_rotation_per_subunit   -25.762 
_em_helical_entity.axial_rise_per_subunit         8.6 
_em_helical_entity.axial_symmetry                 C1 
_em_helical_entity.details                        ? 
# 
_em_image_processing.id                   1 
_em_image_processing.image_recording_id   1 
_em_image_processing.details              ? 
# 
_em_image_recording.id                            1 
_em_image_recording.imaging_id                    1 
_em_image_recording.avg_electron_dose_per_image   40 
_em_image_recording.average_exposure_time         ? 
_em_image_recording.details                       ? 
_em_image_recording.detector_mode                 ? 
_em_image_recording.film_or_detector_model        'GATAN K2 SUMMIT (4k x 4k)' 
_em_image_recording.num_diffraction_images        ? 
_em_image_recording.num_grids_imaged              ? 
_em_image_recording.num_real_images               ? 
# 
loop_
_em_software.id 
_em_software.category 
_em_software.details 
_em_software.name 
_em_software.version 
_em_software.image_processing_id 
_em_software.fitting_id 
_em_software.imaging_id 
1  'PARTICLE SELECTION'       ? ? ? 1 ? ? 
2  'IMAGE ACQUISITION'        ? ? ? ? ? 1 
3  MASKING                    ? ? ? ? ? ? 
4  'CTF CORRECTION'           ? ? ? 1 ? ? 
5  'LAYERLINE INDEXING'       ? ? ? ? ? ? 
6  'DIFFRACTION INDEXING'     ? ? ? ? ? ? 
7  'MODEL FITTING'            ? ? ? ? ? ? 
8  'MODEL REFINEMENT'         ? ? ? ? ? ? 
9  OTHER                      ? ? ? ? ? ? 
10 'INITIAL EULER ASSIGNMENT' ? ? ? 1 ? ? 
11 'FINAL EULER ASSIGNMENT'   ? ? ? 1 ? ? 
12 CLASSIFICATION             ? ? ? 1 ? ? 
13 RECONSTRUCTION             ? ? ? 1 ? ? 
# 
_em_specimen.id                      1 
_em_specimen.experiment_id           1 
_em_specimen.concentration           ? 
_em_specimen.details                 ? 
_em_specimen.embedding_applied       NO 
_em_specimen.shadowing_applied       NO 
_em_specimen.staining_applied        NO 
_em_specimen.vitrification_applied   YES 
# 
_atom_sites.entry_id                    5X1G 
_atom_sites.fract_transf_matrix[1][1]   1.000000 
_atom_sites.fract_transf_matrix[1][2]   0.000000 
_atom_sites.fract_transf_matrix[1][3]   0.000000 
_atom_sites.fract_transf_matrix[2][1]   0.000000 
_atom_sites.fract_transf_matrix[2][2]   1.000000 
_atom_sites.fract_transf_matrix[2][3]   0.000000 
_atom_sites.fract_transf_matrix[3][1]   0.000000 
_atom_sites.fract_transf_matrix[3][2]   0.000000 
_atom_sites.fract_transf_matrix[3][3]   1.000000 
_atom_sites.fract_transf_vector[1]      0.00000 
_atom_sites.fract_transf_vector[2]      0.00000 
_atom_sites.fract_transf_vector[3]      0.00000 
# 
loop_
_atom_type.symbol 
C 
N 
O 
# 
loop_
_atom_site.group_PDB 
_atom_site.id 
_atom_site.type_symbol 
_atom_site.label_atom_id 
_atom_site.label_alt_id 
_atom_site.label_comp_id 
_atom_site.label_asym_id 
_atom_site.label_entity_id 
_atom_site.label_seq_id 
_atom_site.pdbx_PDB_ins_code 
_atom_site.Cartn_x 
_atom_site.Cartn_y 
_atom_site.Cartn_z 
_atom_site.occupancy 
_atom_site.B_iso_or_equiv 
_atom_site.pdbx_formal_charge 
_atom_site.auth_seq_id 
_atom_site.auth_comp_id 
_atom_site.auth_asym_id 
_atom_site.auth_atom_id 
_atom_site.pdbx_PDB_model_num 
ATOM 1   N N  . LYS A 1 4  ? 13.109 -28.132 10.882  1.00 108.61 ? 516 LYS C N  1 
ATOM 2   C CA . LYS A 1 4  ? 13.756 -26.902 11.288  1.00 108.61 ? 516 LYS C CA 1 
ATOM 3   C C  . LYS A 1 4  ? 12.862 -25.700 11.374  1.00 108.61 ? 516 LYS C C  1 
ATOM 4   O O  . LYS A 1 4  ? 11.670 -25.743 11.087  1.00 108.61 ? 516 LYS C O  1 
ATOM 5   C CB . LYS A 1 4  ? 14.903 -26.593 10.346  1.00 108.61 ? 516 LYS C CB 1 
ATOM 6   N N  . ARG A 1 5  ? 13.494 -24.615 11.793  1.00 122.70 ? 517 ARG C N  1 
ATOM 7   C CA . ARG A 1 5  ? 12.836 -23.342 11.976  1.00 122.70 ? 517 ARG C CA 1 
ATOM 8   C C  . ARG A 1 5  ? 12.488 -22.737 10.637  1.00 122.70 ? 517 ARG C C  1 
ATOM 9   O O  . ARG A 1 5  ? 13.218 -22.903 9.662   1.00 122.70 ? 517 ARG C O  1 
ATOM 10  C CB . ARG A 1 5  ? 13.740 -22.397 12.748  1.00 122.70 ? 517 ARG C CB 1 
ATOM 11  N N  . ASP A 1 6  ? 11.381 -22.028 10.584  1.00 123.42 ? 518 ASP C N  1 
ATOM 12  C CA . ASP A 1 6  ? 11.112 -21.162 9.455   1.00 123.42 ? 518 ASP C CA 1 
ATOM 13  C C  . ASP A 1 6  ? 10.251 -20.028 9.971   1.00 123.42 ? 518 ASP C C  1 
ATOM 14  O O  . ASP A 1 6  ? 9.883  -20.008 11.148  1.00 123.42 ? 518 ASP C O  1 
ATOM 15  C CB . ASP A 1 6  ? 10.428 -21.919 8.318   1.00 123.42 ? 518 ASP C CB 1 
ATOM 16  N N  . LYS A 1 7  ? 9.942  -19.072 9.113   1.00 134.85 ? 519 LYS C N  1 
ATOM 17  C CA . LYS A 1 7  ? 9.088  -17.977 9.530   1.00 134.85 ? 519 LYS C CA 1 
ATOM 18  C C  . LYS A 1 7  ? 8.017  -17.730 8.488   1.00 134.85 ? 519 LYS C C  1 
ATOM 19  O O  . LYS A 1 7  ? 8.209  -18.060 7.316   1.00 134.85 ? 519 LYS C O  1 
ATOM 20  C CB . LYS A 1 7  ? 9.909  -16.717 9.752   1.00 134.85 ? 519 LYS C CB 1 
ATOM 21  N N  . ILE A 1 8  ? 6.880  -17.191 8.908   1.00 133.66 ? 520 ILE C N  1 
ATOM 22  C CA . ILE A 1 8  ? 5.837  -16.805 7.971   1.00 133.66 ? 520 ILE C CA 1 
ATOM 23  C C  . ILE A 1 8  ? 4.987  -15.714 8.598   1.00 133.66 ? 520 ILE C C  1 
ATOM 24  O O  . ILE A 1 8  ? 5.146  -15.409 9.784   1.00 133.66 ? 520 ILE C O  1 
ATOM 25  C CB . ILE A 1 8  ? 4.974  -18.010 7.563   1.00 133.66 ? 520 ILE C CB 1 
ATOM 26  N N  . LYS A 1 9  ? 4.096  -15.127 7.792   1.00 135.89 ? 521 LYS C N  1 
ATOM 27  C CA . LYS A 1 9  ? 3.002  -14.254 8.208   1.00 135.89 ? 521 LYS C CA 1 
ATOM 28  C C  . LYS A 1 9  ? 2.109  -13.992 7.005   1.00 135.89 ? 521 LYS C C  1 
ATOM 29  O O  . LYS A 1 9  ? 2.478  -14.356 5.884   1.00 135.89 ? 521 LYS C O  1 
ATOM 30  C CB . LYS A 1 9  ? 3.510  -12.922 8.760   1.00 135.89 ? 521 LYS C CB 1 
ATOM 31  N N  . GLU A 1 10 ? 0.927  -13.406 7.248   1.00 143.48 ? 522 GLU C N  1 
ATOM 32  C CA . GLU A 1 10 ? 0.118  -12.629 6.302   1.00 143.48 ? 522 GLU C CA 1 
ATOM 33  C C  . GLU A 1 10 ? -1.019 -11.965 7.059   1.00 143.48 ? 522 GLU C C  1 
ATOM 34  O O  . GLU A 1 10 ? -1.723 -12.650 7.800   1.00 143.48 ? 522 GLU C O  1 
ATOM 35  C CB . GLU A 1 10 ? -0.484 -13.492 5.194   1.00 143.48 ? 522 GLU C CB 1 
ATOM 36  N N  . GLU A 1 11 ? -1.275 -10.676 6.846   1.00 141.49 ? 523 GLU C N  1 
ATOM 37  C CA . GLU A 1 11 ? -2.389 -10.071 7.566   1.00 141.49 ? 523 GLU C CA 1 
ATOM 38  C C  . GLU A 1 11 ? -2.941 -8.831  6.890   1.00 141.49 ? 523 GLU C C  1 
ATOM 39  O O  . GLU A 1 11 ? -2.170 -7.943  6.532   1.00 141.49 ? 523 GLU C O  1 
ATOM 40  C CB . GLU A 1 11 ? -1.970 -9.689  8.979   1.00 141.49 ? 523 GLU C CB 1 
ATOM 41  N N  . GLU A 1 12 ? -4.270 -8.760  6.757   1.00 135.75 ? 524 GLU C N  1 
ATOM 42  C CA . GLU A 1 12 ? -5.030 -7.574  6.365   1.00 135.75 ? 524 GLU C CA 1 
ATOM 43  C C  . GLU A 1 12 ? -4.565 -6.953  5.060   1.00 135.75 ? 524 GLU C C  1 
ATOM 44  O O  . GLU A 1 12 ? -4.378 -5.737  4.977   1.00 135.75 ? 524 GLU C O  1 
ATOM 45  C CB . GLU A 1 12 ? -4.965 -6.526  7.470   1.00 135.75 ? 524 GLU C CB 1 
ATOM 46  N N  . GLN A 1 13 ? -4.392 -7.787  4.045   1.00 123.27 ? 525 GLN C N  1 
ATOM 47  C CA . GLN A 1 13 ? -3.717 -7.397  2.822   1.00 123.27 ? 525 GLN C CA 1 
ATOM 48  C C  . GLN A 1 13 ? -4.484 -6.333  2.071   1.00 123.27 ? 525 GLN C C  1 
ATOM 49  O O  . GLN A 1 13 ? -3.907 -5.531  1.336   1.00 123.27 ? 525 GLN C O  1 
ATOM 50  C CB . GLN A 1 13 ? -3.532 -8.613  1.934   1.00 123.27 ? 525 GLN C CB 1 
ATOM 51  N N  . LYS A 1 14 ? -5.787 -6.310  2.279   1.00 127.87 ? 526 LYS C N  1 
ATOM 52  C CA . LYS A 1 14 ? -6.606 -5.327  1.603   1.00 127.87 ? 526 LYS C CA 1 
ATOM 53  C C  . LYS A 1 14 ? -6.379 -3.944  2.174   1.00 127.87 ? 526 LYS C C  1 
ATOM 54  O O  . LYS A 1 14 ? -6.589 -2.950  1.480   1.00 127.87 ? 526 LYS C O  1 
ATOM 55  C CB . LYS A 1 14 ? -8.073 -5.706  1.711   1.00 127.87 ? 526 LYS C CB 1 
ATOM 56  N N  . LYS A 1 15 ? -5.976 -3.865  3.448   1.00 121.78 ? 527 LYS C N  1 
ATOM 57  C CA . LYS A 1 15 ? -5.833 -2.569  4.108   1.00 121.78 ? 527 LYS C CA 1 
ATOM 58  C C  . LYS A 1 15 ? -4.759 -1.737  3.438   1.00 121.78 ? 527 LYS C C  1 
ATOM 59  O O  . LYS A 1 15 ? -5.000 -0.591  3.044   1.00 121.78 ? 527 LYS C O  1 
ATOM 60  C CB . LYS A 1 15 ? -5.502 -2.751  5.583   1.00 121.78 ? 527 LYS C CB 1 
ATOM 61  N N  . LYS A 1 16 ? -3.582 -2.326  3.255   1.00 137.67 ? 528 LYS C N  1 
ATOM 62  C CA . LYS A 1 16 ? -2.541 -1.681  2.465   1.00 137.67 ? 528 LYS C CA 1 
ATOM 63  C C  . LYS A 1 16 ? -2.973 -1.539  1.014   1.00 137.67 ? 528 LYS C C  1 
ATOM 64  O O  . LYS A 1 16 ? -2.644 -0.552  0.348   1.00 137.67 ? 528 LYS C O  1 
ATOM 65  C CB . LYS A 1 16 ? -1.245 -2.480  2.567   1.00 137.67 ? 528 LYS C CB 1 
ATOM 66  N N  . GLU A 1 17 ? -3.725 -2.515  0.515   1.00 128.78 ? 529 GLU C N  1 
ATOM 67  C CA . GLU A 1 17 ? -4.286 -2.389  -0.818  1.00 128.78 ? 529 GLU C CA 1 
ATOM 68  C C  . GLU A 1 17 ? -5.309 -1.260  -0.862  1.00 128.78 ? 529 GLU C C  1 
ATOM 69  O O  . GLU A 1 17 ? -5.429 -0.552  -1.868  1.00 128.78 ? 529 GLU C O  1 
ATOM 70  C CB . GLU A 1 17 ? -4.898 -3.717  -1.247  1.00 128.78 ? 529 GLU C CB 1 
ATOM 71  N N  . TRP A 1 18 ? -6.029 -1.043  0.236   1.00 121.58 ? 530 TRP C N  1 
ATOM 72  C CA . TRP A 1 18 ? -6.876 0.139   0.302   1.00 121.58 ? 530 TRP C CA 1 
ATOM 73  C C  . TRP A 1 18 ? -6.026 1.377   0.433   1.00 121.58 ? 530 TRP C C  1 
ATOM 74  O O  . TRP A 1 18 ? -6.354 2.437   -0.103  1.00 121.58 ? 530 TRP C O  1 
ATOM 75  C CB . TRP A 1 18 ? -7.839 0.045   1.474   1.00 121.58 ? 530 TRP C CB 1 
ATOM 76  N N  . ILE A 1 19 ? -4.913 1.250   1.139   1.00 133.88 ? 531 ILE C N  1 
ATOM 77  C CA . ILE A 1 19 ? -3.992 2.366   1.243   1.00 133.88 ? 531 ILE C CA 1 
ATOM 78  C C  . ILE A 1 19 ? -3.293 2.589   -0.084  1.00 133.88 ? 531 ILE C C  1 
ATOM 79  O O  . ILE A 1 19 ? -2.823 3.689   -0.375  1.00 133.88 ? 531 ILE C O  1 
ATOM 80  C CB . ILE A 1 19 ? -2.985 2.126   2.376   1.00 133.88 ? 531 ILE C CB 1 
ATOM 81  N N  . ASN A 1 20 ? -3.211 1.543   -0.904  1.00 132.99 ? 532 ASN C N  1 
ATOM 82  C CA . ASN A 1 20 ? -2.634 1.698   -2.227  1.00 132.99 ? 532 ASN C CA 1 
ATOM 83  C C  . ASN A 1 20 ? -3.498 2.594   -3.080  1.00 132.99 ? 532 ASN C C  1 
ATOM 84  O O  . ASN A 1 20 ? -2.996 3.340   -3.921  1.00 132.99 ? 532 ASN C O  1 
ATOM 85  C CB . ASN A 1 20 ? -2.467 0.342   -2.891  1.00 132.99 ? 532 ASN C CB 1 
ATOM 86  N N  . GLN A 1 21 ? -4.803 2.551   -2.855  1.00 135.56 ? 533 GLN C N  1 
ATOM 87  C CA . GLN A 1 21 ? -5.659 3.576   -3.418  1.00 135.56 ? 533 GLN C CA 1 
ATOM 88  C C  . GLN A 1 21 ? -5.330 4.933   -2.821  1.00 135.56 ? 533 GLN C C  1 
ATOM 89  O O  . GLN A 1 21 ? -5.193 5.927   -3.542  1.00 135.56 ? 533 GLN C O  1 
ATOM 90  C CB . GLN A 1 21 ? -7.117 3.221   -3.172  1.00 135.56 ? 533 GLN C CB 1 
ATOM 91  N N  . GLU A 1 22 ? -5.168 4.989   -1.501  1.00 134.32 ? 534 GLU C N  1 
ATOM 92  C CA . GLU A 1 22 ? -4.883 6.264   -0.854  1.00 134.32 ? 534 GLU C CA 1 
ATOM 93  C C  . GLU A 1 22 ? -3.453 6.691   -1.114  1.00 134.32 ? 534 GLU C C  1 
ATOM 94  O O  . GLU A 1 22 ? -3.106 7.863   -0.965  1.00 134.32 ? 534 GLU C O  1 
ATOM 95  C CB . GLU A 1 22 ? -5.144 6.174   0.641   1.00 134.32 ? 534 GLU C CB 1 
ATOM 96  N N  . ARG A 1 23 ? -2.602 5.750   -1.493  1.00 136.58 ? 535 ARG C N  1 
ATOM 97  C CA . ARG A 1 23 ? -1.312 6.145   -2.029  1.00 136.58 ? 535 ARG C CA 1 
ATOM 98  C C  . ARG A 1 23 ? -1.474 6.706   -3.426  1.00 136.58 ? 535 ARG C C  1 
ATOM 99  O O  . ARG A 1 23 ? -0.768 7.643   -3.810  1.00 136.58 ? 535 ARG C O  1 
ATOM 100 C CB . ARG A 1 23 ? -0.362 4.959   -2.041  1.00 136.58 ? 535 ARG C CB 1 
ATOM 101 N N  . GLN A 1 24 ? -2.432 6.161   -4.185  1.00 137.79 ? 536 GLN C N  1 
ATOM 102 C CA . GLN A 1 24 ? -2.527 6.454   -5.611  1.00 137.79 ? 536 GLN C CA 1 
ATOM 103 C C  . GLN A 1 24 ? -2.899 7.901   -5.850  1.00 137.79 ? 536 GLN C C  1 
ATOM 104 O O  . GLN A 1 24 ? -2.467 8.509   -6.835  1.00 137.79 ? 536 GLN C O  1 
ATOM 105 C CB . GLN A 1 24 ? -3.549 5.540   -6.275  1.00 137.79 ? 536 GLN C CB 1 
ATOM 106 N N  . LYS A 1 25 ? -3.691 8.468   -4.947  1.00 134.95 ? 537 LYS C N  1 
ATOM 107 C CA . LYS A 1 25 ? -4.028 9.878   -5.042  1.00 134.95 ? 537 LYS C CA 1 
ATOM 108 C C  . LYS A 1 25 ? -2.791 10.733  -4.880  1.00 134.95 ? 537 LYS C C  1 
ATOM 109 O O  . LYS A 1 25 ? -2.486 11.574  -5.725  1.00 134.95 ? 537 LYS C O  1 
ATOM 110 C CB . LYS A 1 25 ? -5.061 10.234  -3.981  1.00 134.95 ? 537 LYS C CB 1 
ATOM 111 N N  . THR A 1 26 ? -2.033 10.492  -3.821  1.00 139.78 ? 538 THR C N  1 
ATOM 112 C CA . THR A 1 26 ? -0.801 11.240  -3.637  1.00 139.78 ? 538 THR C CA 1 
ATOM 113 C C  . THR A 1 26 ? 0.284  10.721  -4.555  1.00 139.78 ? 538 THR C C  1 
ATOM 114 O O  . THR A 1 26 ? 1.355  11.320  -4.667  1.00 139.78 ? 538 THR C O  1 
ATOM 115 C CB . THR A 1 26 ? -0.347 11.165  -2.188  1.00 139.78 ? 538 THR C CB 1 
ATOM 116 N N  . LEU A 1 27 ? 0.048  9.577   -5.182  1.00 144.64 ? 539 LEU C N  1 
ATOM 117 C CA . LEU A 1 27 ? 0.850  9.239   -6.339  1.00 144.64 ? 539 LEU C CA 1 
ATOM 118 C C  . LEU A 1 27 ? 0.439  10.088  -7.521  1.00 144.64 ? 539 LEU C C  1 
ATOM 119 O O  . LEU A 1 27 ? 1.216  10.288  -8.457  1.00 144.64 ? 539 LEU C O  1 
ATOM 120 C CB . LEU A 1 27 ? 0.718  7.760   -6.678  1.00 144.64 ? 539 LEU C CB 1 
ATOM 121 N N  . GLN A 1 28 ? -0.785 10.593  -7.507  1.00 153.52 ? 540 GLN C N  1 
ATOM 122 C CA . GLN A 1 28 ? -1.243 11.347  -8.660  1.00 153.52 ? 540 GLN C CA 1 
ATOM 123 C C  . GLN A 1 28 ? -1.152 12.840  -8.405  1.00 153.52 ? 540 GLN C C  1 
ATOM 124 O O  . GLN A 1 28 ? -0.933 13.626  -9.331  1.00 153.52 ? 540 GLN C O  1 
ATOM 125 C CB . GLN A 1 28 ? -2.673 10.945  -8.999  1.00 153.52 ? 540 GLN C CB 1 
ATOM 126 N N  . ARG A 1 29 ? -1.313 13.250  -7.151  1.00 168.55 ? 541 ARG C N  1 
ATOM 127 C CA . ARG A 1 29 ? -1.577 14.656  -6.866  1.00 168.55 ? 541 ARG C CA 1 
ATOM 128 C C  . ARG A 1 29 ? -0.358 15.521  -7.122  1.00 168.55 ? 541 ARG C C  1 
ATOM 129 O O  . ARG A 1 29 ? -0.400 16.423  -7.959  1.00 168.55 ? 541 ARG C O  1 
ATOM 130 C CB . ARG A 1 29 ? -2.039 14.814  -5.429  1.00 168.55 ? 541 ARG C CB 1 
ATOM 131 N N  . LEU A 1 30 ? 0.750  15.232  -6.438  1.00 175.14 ? 542 LEU C N  1 
ATOM 132 C CA . LEU A 1 30 ? 1.981  15.982  -6.663  1.00 175.14 ? 542 LEU C CA 1 
ATOM 133 C C  . LEU A 1 30 ? 2.496  15.746  -8.071  1.00 175.14 ? 542 LEU C C  1 
ATOM 134 O O  . LEU A 1 30 ? 3.181  16.595  -8.644  1.00 175.14 ? 542 LEU C O  1 
ATOM 135 C CB . LEU A 1 30 ? 3.041  15.609  -5.621  1.00 175.14 ? 542 LEU C CB 1 
ATOM 136 N N  . ARG A 1 31 ? 2.094  14.630  -8.678  1.00 176.24 ? 543 ARG C N  1 
ATOM 137 C CA . ARG A 1 31 ? 2.351  14.409  -10.091 1.00 176.24 ? 543 ARG C CA 1 
ATOM 138 C C  . ARG A 1 31 ? 1.566  15.380  -10.963 1.00 176.24 ? 543 ARG C C  1 
ATOM 139 O O  . ARG A 1 31 ? 1.829  15.500  -12.161 1.00 176.24 ? 543 ARG C O  1 
ATOM 140 C CB . ARG A 1 31 ? 2.012  12.972  -10.458 1.00 176.24 ? 543 ARG C CB 1 
ATOM 141 N N  . SER A 1 32 ? 0.569  16.051  -10.397 1.00 191.36 ? 544 SER C N  1 
ATOM 142 C CA . SER A 1 32 ? -0.016 17.185  -11.096 1.00 191.36 ? 544 SER C CA 1 
ATOM 143 C C  . SER A 1 32 ? 0.283  18.486  -10.367 1.00 191.36 ? 544 SER C C  1 
ATOM 144 O O  . SER A 1 32 ? 0.214  19.572  -10.951 1.00 191.36 ? 544 SER C O  1 
ATOM 145 C CB . SER A 1 32 ? -1.519 16.983  -11.234 1.00 191.36 ? 544 SER C CB 1 
ATOM 146 N N  . PHE A 1 33 ? 0.584  18.397  -9.075  1.00 189.40 ? 545 PHE C N  1 
ATOM 147 C CA . PHE A 1 33 ? 0.769  19.613  -8.295  1.00 189.40 ? 545 PHE C CA 1 
ATOM 148 C C  . PHE A 1 33 ? 2.155  20.165  -8.503  1.00 189.40 ? 545 PHE C C  1 
ATOM 149 O O  . PHE A 1 33 ? 2.449  21.305  -8.139  1.00 189.40 ? 545 PHE C O  1 
ATOM 150 C CB . PHE A 1 33 ? 0.533  19.346  -6.814  1.00 189.40 ? 545 PHE C CB 1 
ATOM 151 N N  . LYS A 1 34 ? 3.026  19.358  -9.060  1.00 196.62 ? 546 LYS C N  1 
ATOM 152 C CA . LYS A 1 34 ? 4.253  19.890  -9.559  1.00 196.62 ? 546 LYS C CA 1 
ATOM 153 C C  . LYS A 1 34 ? 3.900  20.585  -10.846 1.00 196.62 ? 546 LYS C C  1 
ATOM 154 O O  . LYS A 1 34 ? 2.918  20.221  -11.481 1.00 196.62 ? 546 LYS C O  1 
ATOM 155 C CB . LYS A 1 34 ? 5.280  18.797  -9.788  1.00 196.62 ? 546 LYS C CB 1 
# 
